data_9IUW
#
_entry.id   9IUW
#
_cell.length_a   113.230
_cell.length_b   37.080
_cell.length_c   59.070
_cell.angle_alpha   90.00
_cell.angle_beta   103.56
_cell.angle_gamma   90.00
#
_symmetry.space_group_name_H-M   'C 1 2 1'
#
loop_
_entity.id
_entity.type
_entity.pdbx_description
1 polymer 'Partial alanyl-tRNA synthetase matches COOH terminus'
2 non-polymer 'ZINC ION'
3 water water
#
_entity_poly.entity_id   1
_entity_poly.type   'polypeptide(L)'
_entity_poly.pdbx_seq_one_letter_code
;MTRLLYYEDAYLKEAKAKVLEVKDNALLLDQTIFYPTGGGQPHDRGWINGVEVLDVYKDEEGNVWHVVKELEKFKPGDEV
ELKLDWEYRYKLMRIHSALHLLENVLDQILGKGNWEVVGSGMTHEKGRLDVGYPENLNAYKEKIIELFNRYVDEGGEIKI
WWEGEKRYTQIRDFDPIPCGGTHVKDIREIGHIKKLKRSSIGRGKQRLEIWLED
;
_entity_poly.pdbx_strand_id   A
#
loop_
_chem_comp.id
_chem_comp.type
_chem_comp.name
_chem_comp.formula
ZN non-polymer 'ZINC ION' 'Zn 2'
#
# COMPACT_ATOMS: atom_id res chain seq x y z
N THR A 2 -12.38 4.60 14.50
CA THR A 2 -12.07 5.73 13.65
C THR A 2 -12.73 5.58 12.29
N ARG A 3 -13.22 6.68 11.71
CA ARG A 3 -13.71 6.62 10.34
C ARG A 3 -12.53 6.72 9.40
N LEU A 4 -12.33 5.68 8.58
CA LEU A 4 -11.11 5.58 7.77
C LEU A 4 -11.41 6.14 6.39
N LEU A 5 -11.23 7.46 6.24
CA LEU A 5 -11.52 8.12 4.98
C LEU A 5 -10.66 7.60 3.84
N TYR A 6 -9.45 7.13 4.15
CA TYR A 6 -8.57 6.67 3.08
C TYR A 6 -9.11 5.40 2.42
N TYR A 7 -9.99 4.65 3.09
CA TYR A 7 -10.67 3.53 2.45
C TYR A 7 -11.94 3.95 1.70
N GLU A 8 -12.50 5.13 2.00
CA GLU A 8 -13.58 5.68 1.17
C GLU A 8 -13.03 6.31 -0.11
N ASP A 9 -11.85 6.92 -0.05
CA ASP A 9 -11.28 7.62 -1.21
C ASP A 9 -9.76 7.68 -1.04
N ALA A 10 -9.05 6.83 -1.80
CA ALA A 10 -7.60 6.85 -1.73
C ALA A 10 -6.98 8.12 -2.31
N TYR A 11 -7.77 8.95 -2.99
CA TYR A 11 -7.25 10.17 -3.60
C TYR A 11 -7.65 11.42 -2.83
N LEU A 12 -8.29 11.27 -1.69
CA LEU A 12 -8.56 12.39 -0.79
C LEU A 12 -7.27 12.82 -0.11
N LYS A 13 -6.74 13.99 -0.50
CA LYS A 13 -5.43 14.47 -0.10
C LYS A 13 -5.48 15.37 1.12
N GLU A 14 -6.63 15.96 1.42
CA GLU A 14 -6.79 16.91 2.51
C GLU A 14 -8.18 16.69 3.09
N ALA A 15 -8.30 16.86 4.40
CA ALA A 15 -9.60 16.74 5.05
C ALA A 15 -9.57 17.48 6.37
N LYS A 16 -10.75 17.68 6.94
CA LYS A 16 -10.90 18.20 8.29
C LYS A 16 -11.28 17.08 9.25
N ALA A 17 -10.95 17.27 10.52
CA ALA A 17 -11.24 16.27 11.55
C ALA A 17 -11.38 16.96 12.90
N LYS A 18 -11.97 16.25 13.85
CA LYS A 18 -12.08 16.73 15.23
C LYS A 18 -11.17 15.88 16.12
N VAL A 19 -10.42 16.55 17.01
CA VAL A 19 -9.63 15.85 18.01
C VAL A 19 -10.53 15.30 19.11
N LEU A 20 -10.52 13.98 19.30
CA LEU A 20 -11.23 13.33 20.39
C LEU A 20 -10.40 13.19 21.65
N GLU A 21 -9.12 12.82 21.52
CA GLU A 21 -8.26 12.55 22.67
C GLU A 21 -6.85 12.96 22.34
N VAL A 22 -6.11 13.38 23.36
CA VAL A 22 -4.68 13.65 23.28
C VAL A 22 -4.05 12.88 24.42
N LYS A 23 -3.35 11.79 24.09
CA LYS A 23 -2.95 10.82 25.11
C LYS A 23 -1.43 10.75 25.28
N ASP A 24 -0.70 10.26 24.28
CA ASP A 24 0.71 9.94 24.44
C ASP A 24 1.47 10.53 23.26
N ASN A 25 1.63 11.85 23.25
CA ASN A 25 2.14 12.61 22.12
C ASN A 25 1.34 12.39 20.85
N ALA A 26 0.13 11.82 20.97
CA ALA A 26 -0.62 11.36 19.82
C ALA A 26 -2.04 11.92 19.86
N LEU A 27 -2.61 12.11 18.66
CA LEU A 27 -3.96 12.58 18.51
C LEU A 27 -4.87 11.46 18.03
N LEU A 28 -5.98 11.28 18.72
CA LEU A 28 -7.08 10.42 18.26
C LEU A 28 -8.11 11.32 17.59
N LEU A 29 -8.41 11.05 16.33
CA LEU A 29 -9.32 11.87 15.55
C LEU A 29 -10.61 11.09 15.29
N ASP A 30 -11.69 11.81 15.01
CA ASP A 30 -12.92 11.10 14.69
C ASP A 30 -12.85 10.47 13.30
N GLN A 31 -12.09 11.05 12.39
CA GLN A 31 -11.90 10.52 11.04
C GLN A 31 -10.52 10.91 10.54
N THR A 32 -9.96 10.11 9.63
CA THR A 32 -8.61 10.45 9.17
C THR A 32 -8.36 9.97 7.75
N ILE A 33 -7.49 10.70 7.05
CA ILE A 33 -6.96 10.24 5.77
C ILE A 33 -5.59 9.61 5.90
N PHE A 34 -5.00 9.58 7.10
CA PHE A 34 -3.65 9.03 7.27
C PHE A 34 -3.69 7.51 7.39
N TYR A 35 -3.04 6.83 6.45
CA TYR A 35 -2.98 5.37 6.49
C TYR A 35 -2.05 4.91 7.61
N PRO A 36 -2.51 4.05 8.53
CA PRO A 36 -1.62 3.50 9.56
C PRO A 36 -0.88 2.26 9.07
N THR A 37 0.31 2.06 9.61
CA THR A 37 1.19 0.98 9.19
C THR A 37 0.45 -0.36 9.18
N GLY A 38 0.51 -1.07 8.06
CA GLY A 38 -0.09 -2.40 8.00
C GLY A 38 -0.04 -2.96 6.60
N GLY A 39 -0.10 -4.30 6.53
CA GLY A 39 -0.16 -4.97 5.24
C GLY A 39 1.08 -4.85 4.40
N GLY A 40 2.22 -4.56 5.01
CA GLY A 40 3.46 -4.29 4.31
C GLY A 40 3.62 -2.87 3.80
N GLN A 41 2.57 -2.01 3.92
CA GLN A 41 2.62 -0.63 3.45
C GLN A 41 2.92 0.30 4.62
N PRO A 42 3.96 1.14 4.52
CA PRO A 42 4.27 2.08 5.60
C PRO A 42 3.17 3.10 5.81
N HIS A 43 3.15 3.68 7.01
CA HIS A 43 2.18 4.71 7.35
C HIS A 43 2.44 5.97 6.54
N ASP A 44 1.39 6.75 6.34
CA ASP A 44 1.47 7.99 5.60
C ASP A 44 2.30 9.01 6.34
N ARG A 45 2.91 9.90 5.57
CA ARG A 45 3.54 11.10 6.07
C ARG A 45 2.61 12.28 5.79
N GLY A 46 2.80 13.36 6.52
CA GLY A 46 1.97 14.53 6.28
C GLY A 46 2.00 15.48 7.45
N TRP A 47 0.95 16.31 7.53
CA TRP A 47 0.89 17.40 8.50
C TRP A 47 -0.53 17.51 9.05
N ILE A 48 -0.63 17.89 10.31
CA ILE A 48 -1.90 18.23 10.94
C ILE A 48 -1.74 19.65 11.48
N ASN A 49 -2.55 20.57 10.97
CA ASN A 49 -2.38 22.01 11.27
C ASN A 49 -0.94 22.47 11.02
N GLY A 50 -0.33 21.95 9.96
CA GLY A 50 1.03 22.34 9.64
C GLY A 50 2.09 21.78 10.56
N VAL A 51 1.77 20.77 11.36
CA VAL A 51 2.69 20.09 12.27
C VAL A 51 3.03 18.73 11.71
N GLU A 52 4.33 18.38 11.72
CA GLU A 52 4.78 17.11 11.15
C GLU A 52 4.19 15.92 11.90
N VAL A 53 3.67 14.95 11.15
CA VAL A 53 3.22 13.68 11.70
C VAL A 53 4.41 12.71 11.77
N LEU A 54 4.63 12.12 12.95
CA LEU A 54 5.78 11.26 13.19
C LEU A 54 5.46 9.77 13.07
N ASP A 55 4.21 9.40 13.27
CA ASP A 55 3.78 8.01 13.29
C ASP A 55 2.27 7.99 13.16
N VAL A 56 1.77 6.94 12.54
CA VAL A 56 0.33 6.67 12.46
C VAL A 56 0.17 5.17 12.70
N TYR A 57 -0.61 4.80 13.71
CA TYR A 57 -0.77 3.39 14.03
C TYR A 57 -2.17 3.15 14.55
N LYS A 58 -2.56 1.88 14.52
CA LYS A 58 -3.89 1.49 15.03
C LYS A 58 -3.71 0.86 16.42
N ASP A 59 -4.57 1.21 17.36
CA ASP A 59 -4.52 0.61 18.71
C ASP A 59 -5.24 -0.75 18.63
N GLU A 60 -5.20 -1.50 19.72
CA GLU A 60 -5.78 -2.87 19.69
C GLU A 60 -7.30 -2.83 19.43
N GLU A 61 -7.95 -1.68 19.63
CA GLU A 61 -9.40 -1.52 19.35
C GLU A 61 -9.69 -1.09 17.92
N GLY A 62 -8.66 -0.81 17.13
CA GLY A 62 -8.85 -0.42 15.72
C GLY A 62 -8.78 1.08 15.50
N ASN A 63 -8.62 1.87 16.55
CA ASN A 63 -8.64 3.31 16.38
C ASN A 63 -7.25 3.81 16.00
N VAL A 64 -7.20 4.93 15.27
CA VAL A 64 -5.97 5.41 14.65
C VAL A 64 -5.42 6.57 15.46
N TRP A 65 -4.17 6.44 15.91
CA TRP A 65 -3.48 7.48 16.66
C TRP A 65 -2.42 8.14 15.79
N HIS A 66 -2.28 9.47 15.91
CA HIS A 66 -1.35 10.24 15.08
C HIS A 66 -0.33 10.91 16.00
N VAL A 67 0.93 10.47 15.95
CA VAL A 67 1.97 11.11 16.75
C VAL A 67 2.37 12.40 16.05
N VAL A 68 2.41 13.51 16.80
CA VAL A 68 2.75 14.80 16.21
C VAL A 68 4.02 15.34 16.86
N LYS A 69 4.77 16.12 16.08
CA LYS A 69 6.05 16.67 16.54
C LYS A 69 5.88 17.88 17.45
N GLU A 70 4.72 18.54 17.43
CA GLU A 70 4.46 19.70 18.30
C GLU A 70 3.10 19.51 18.95
N LEU A 71 3.10 19.00 20.18
CA LEU A 71 1.84 18.66 20.84
C LEU A 71 1.13 19.88 21.42
N GLU A 72 1.85 20.96 21.70
CA GLU A 72 1.33 22.01 22.56
C GLU A 72 0.06 22.67 22.01
N LYS A 73 -0.10 22.71 20.68
CA LYS A 73 -1.23 23.43 20.09
C LYS A 73 -2.38 22.51 19.70
N PHE A 74 -2.58 21.39 20.42
CA PHE A 74 -3.71 20.51 20.18
C PHE A 74 -4.43 20.20 21.49
N LYS A 75 -5.75 20.34 21.49
CA LYS A 75 -6.58 19.99 22.63
C LYS A 75 -7.84 19.25 22.17
N PRO A 76 -8.43 18.44 23.04
CA PRO A 76 -9.68 17.77 22.65
C PRO A 76 -10.73 18.78 22.21
N GLY A 77 -11.45 18.43 21.16
CA GLY A 77 -12.44 19.31 20.57
C GLY A 77 -11.92 20.22 19.46
N ASP A 78 -10.60 20.36 19.30
CA ASP A 78 -10.08 21.18 18.23
C ASP A 78 -10.48 20.62 16.87
N GLU A 79 -10.81 21.50 15.94
CA GLU A 79 -10.96 21.15 14.54
C GLU A 79 -9.60 21.31 13.88
N VAL A 80 -9.11 20.26 13.22
CA VAL A 80 -7.77 20.31 12.65
C VAL A 80 -7.86 20.04 11.16
N GLU A 81 -6.87 20.55 10.43
CA GLU A 81 -6.75 20.31 9.00
C GLU A 81 -5.73 19.21 8.75
N LEU A 82 -6.13 18.19 8.00
CA LEU A 82 -5.25 17.07 7.67
C LEU A 82 -4.72 17.27 6.25
N LYS A 83 -3.42 17.05 6.06
CA LYS A 83 -2.82 17.14 4.73
C LYS A 83 -1.81 16.01 4.55
N LEU A 84 -2.04 15.17 3.55
CA LEU A 84 -1.09 14.10 3.26
C LEU A 84 0.15 14.65 2.57
N ASP A 85 1.28 14.02 2.87
CA ASP A 85 2.42 14.07 1.95
C ASP A 85 2.00 13.27 0.73
N TRP A 86 1.50 13.95 -0.30
CA TRP A 86 0.90 13.23 -1.42
C TRP A 86 1.95 12.55 -2.30
N GLU A 87 3.13 13.17 -2.46
CA GLU A 87 4.16 12.53 -3.25
C GLU A 87 4.50 11.16 -2.64
N TYR A 88 4.63 11.10 -1.32
CA TYR A 88 4.93 9.83 -0.66
C TYR A 88 3.76 8.86 -0.78
N ARG A 89 2.53 9.34 -0.55
CA ARG A 89 1.37 8.46 -0.60
C ARG A 89 1.20 7.85 -1.99
N TYR A 90 1.25 8.68 -3.03
CA TYR A 90 0.95 8.19 -4.37
C TYR A 90 2.04 7.26 -4.88
N LYS A 91 3.30 7.47 -4.49
CA LYS A 91 4.32 6.49 -4.85
C LYS A 91 4.04 5.14 -4.19
N LEU A 92 3.55 5.17 -2.94
CA LEU A 92 3.21 3.92 -2.26
C LEU A 92 1.99 3.25 -2.91
N MET A 93 1.01 4.04 -3.34
CA MET A 93 -0.11 3.43 -4.08
C MET A 93 0.35 2.76 -5.37
N ARG A 94 1.25 3.41 -6.10
CA ARG A 94 1.75 2.81 -7.33
C ARG A 94 2.48 1.51 -7.03
N ILE A 95 3.32 1.51 -5.98
CA ILE A 95 4.13 0.33 -5.69
C ILE A 95 3.26 -0.78 -5.13
N HIS A 96 2.29 -0.43 -4.30
CA HIS A 96 1.42 -1.45 -3.75
C HIS A 96 0.62 -2.13 -4.84
N SER A 97 0.04 -1.33 -5.74
CA SER A 97 -0.71 -1.93 -6.84
C SER A 97 0.21 -2.72 -7.77
N ALA A 98 1.46 -2.28 -7.94
CA ALA A 98 2.43 -3.04 -8.72
C ALA A 98 2.67 -4.43 -8.13
N LEU A 99 2.76 -4.52 -6.80
CA LEU A 99 2.95 -5.82 -6.16
C LEU A 99 1.78 -6.76 -6.42
N HIS A 100 0.54 -6.23 -6.38
CA HIS A 100 -0.62 -7.04 -6.73
C HIS A 100 -0.57 -7.48 -8.19
N LEU A 101 -0.26 -6.54 -9.10
CA LEU A 101 -0.19 -6.91 -10.52
C LEU A 101 0.90 -7.96 -10.74
N LEU A 102 2.03 -7.82 -10.05
CA LEU A 102 3.09 -8.80 -10.19
C LEU A 102 2.62 -10.18 -9.74
N GLU A 103 1.86 -10.23 -8.66
CA GLU A 103 1.34 -11.55 -8.21
C GLU A 103 0.44 -12.16 -9.29
N ASN A 104 -0.47 -11.36 -9.83
CA ASN A 104 -1.36 -11.87 -10.88
C ASN A 104 -0.57 -12.29 -12.10
N VAL A 105 0.47 -11.54 -12.47
CA VAL A 105 1.34 -11.93 -13.57
C VAL A 105 2.01 -13.26 -13.28
N LEU A 106 2.50 -13.47 -12.05
CA LEU A 106 3.11 -14.76 -11.73
C LEU A 106 2.10 -15.90 -11.82
N ASP A 107 0.85 -15.66 -11.40
CA ASP A 107 -0.16 -16.69 -11.61
C ASP A 107 -0.30 -17.03 -13.10
N GLN A 108 -0.32 -16.02 -13.96
CA GLN A 108 -0.50 -16.31 -15.38
C GLN A 108 0.69 -17.09 -15.93
N ILE A 109 1.91 -16.73 -15.52
CA ILE A 109 3.11 -17.31 -16.12
C ILE A 109 3.47 -18.63 -15.48
N LEU A 110 3.43 -18.73 -14.15
CA LEU A 110 3.83 -19.94 -13.44
C LEU A 110 2.67 -20.87 -13.12
N GLY A 111 1.44 -20.38 -13.12
CA GLY A 111 0.28 -21.18 -12.77
C GLY A 111 -0.17 -20.96 -11.33
N LYS A 112 -1.42 -20.56 -11.13
CA LYS A 112 -1.93 -20.44 -9.78
C LYS A 112 -1.75 -21.77 -9.07
N GLY A 113 -1.31 -21.71 -7.82
CA GLY A 113 -1.06 -22.92 -7.06
C GLY A 113 0.32 -23.51 -7.23
N ASN A 114 1.09 -23.08 -8.22
CA ASN A 114 2.43 -23.60 -8.46
C ASN A 114 3.51 -22.79 -7.75
N TRP A 115 3.14 -21.71 -7.10
CA TRP A 115 4.08 -20.88 -6.36
C TRP A 115 3.31 -20.31 -5.18
N GLU A 116 4.04 -19.83 -4.16
CA GLU A 116 3.46 -19.29 -2.95
C GLU A 116 4.06 -17.91 -2.67
N VAL A 117 3.24 -17.02 -2.12
CA VAL A 117 3.75 -15.80 -1.51
C VAL A 117 4.29 -16.15 -0.14
N VAL A 118 5.57 -15.82 0.11
CA VAL A 118 6.22 -16.07 1.38
C VAL A 118 6.21 -14.80 2.24
N GLY A 119 6.25 -13.65 1.58
CA GLY A 119 6.22 -12.37 2.27
C GLY A 119 6.14 -11.24 1.27
N SER A 120 5.83 -10.06 1.79
CA SER A 120 5.48 -8.91 0.95
C SER A 120 5.73 -7.63 1.75
N GLY A 121 6.29 -6.62 1.11
CA GLY A 121 6.44 -5.33 1.77
C GLY A 121 6.88 -4.29 0.77
N MET A 122 6.97 -3.04 1.22
CA MET A 122 7.36 -1.98 0.29
C MET A 122 7.88 -0.79 1.06
N THR A 123 8.66 0.02 0.34
CA THR A 123 9.03 1.35 0.78
C THR A 123 8.75 2.30 -0.37
N HIS A 124 9.01 3.58 -0.13
CA HIS A 124 8.90 4.57 -1.19
C HIS A 124 9.78 4.24 -2.39
N GLU A 125 10.91 3.53 -2.16
CA GLU A 125 11.85 3.20 -3.22
C GLU A 125 11.41 2.01 -4.07
N LYS A 126 10.93 0.94 -3.43
CA LYS A 126 10.80 -0.34 -4.12
C LYS A 126 9.82 -1.24 -3.38
N GLY A 127 9.24 -2.18 -4.12
CA GLY A 127 8.43 -3.22 -3.53
C GLY A 127 9.19 -4.53 -3.46
N ARG A 128 8.76 -5.39 -2.54
CA ARG A 128 9.39 -6.68 -2.30
C ARG A 128 8.33 -7.77 -2.27
N LEU A 129 8.51 -8.80 -3.09
CA LEU A 129 7.63 -9.96 -3.08
C LEU A 129 8.52 -11.18 -2.94
N ASP A 130 8.44 -11.87 -1.80
CA ASP A 130 9.20 -13.09 -1.56
C ASP A 130 8.32 -14.29 -1.90
N VAL A 131 8.85 -15.19 -2.73
CA VAL A 131 8.04 -16.25 -3.32
C VAL A 131 8.69 -17.60 -3.07
N GLY A 132 7.84 -18.62 -2.97
CA GLY A 132 8.30 -19.99 -2.95
C GLY A 132 8.11 -20.57 -4.33
N TYR A 133 9.21 -20.86 -4.99
CA TYR A 133 9.23 -21.44 -6.33
C TYR A 133 10.61 -22.03 -6.56
N PRO A 134 10.71 -23.29 -7.03
CA PRO A 134 12.02 -23.92 -7.17
C PRO A 134 12.91 -23.31 -8.25
N GLU A 135 12.44 -23.30 -9.50
CA GLU A 135 13.27 -22.84 -10.61
C GLU A 135 13.66 -21.37 -10.45
N ASN A 136 14.95 -21.10 -10.66
CA ASN A 136 15.47 -19.72 -10.69
C ASN A 136 14.63 -18.86 -11.63
N LEU A 137 14.05 -17.79 -11.09
CA LEU A 137 13.14 -16.96 -11.85
C LEU A 137 13.85 -16.02 -12.82
N ASN A 138 15.18 -15.96 -12.80
CA ASN A 138 15.89 -15.20 -13.81
C ASN A 138 15.53 -15.67 -15.22
N ALA A 139 15.16 -16.94 -15.37
CA ALA A 139 14.77 -17.46 -16.67
C ALA A 139 13.36 -17.01 -17.07
N TYR A 140 12.65 -16.32 -16.20
CA TYR A 140 11.30 -15.86 -16.47
C TYR A 140 11.20 -14.34 -16.42
N LYS A 141 12.27 -13.66 -16.03
CA LYS A 141 12.20 -12.23 -15.74
C LYS A 141 11.71 -11.43 -16.95
N GLU A 142 12.26 -11.70 -18.13
CA GLU A 142 11.87 -10.91 -19.30
C GLU A 142 10.37 -11.05 -19.59
N LYS A 143 9.87 -12.30 -19.56
CA LYS A 143 8.44 -12.51 -19.81
C LYS A 143 7.57 -11.87 -18.73
N ILE A 144 8.02 -11.93 -17.47
CA ILE A 144 7.27 -11.27 -16.39
C ILE A 144 7.17 -9.78 -16.66
N ILE A 145 8.31 -9.14 -16.96
CA ILE A 145 8.32 -7.70 -17.21
C ILE A 145 7.45 -7.35 -18.40
N GLU A 146 7.56 -8.11 -19.50
CA GLU A 146 6.76 -7.86 -20.69
C GLU A 146 5.27 -7.89 -20.39
N LEU A 147 4.82 -8.94 -19.70
CA LEU A 147 3.39 -9.10 -19.45
C LEU A 147 2.89 -8.03 -18.49
N PHE A 148 3.66 -7.77 -17.42
CA PHE A 148 3.33 -6.65 -16.52
C PHE A 148 3.16 -5.35 -17.29
N ASN A 149 4.16 -5.00 -18.11
CA ASN A 149 4.12 -3.73 -18.86
C ASN A 149 2.97 -3.71 -19.86
N ARG A 150 2.69 -4.85 -20.50
CA ARG A 150 1.56 -4.93 -21.41
C ARG A 150 0.24 -4.63 -20.70
N TYR A 151 0.04 -5.22 -19.51
CA TYR A 151 -1.19 -4.94 -18.78
C TYR A 151 -1.29 -3.48 -18.37
N VAL A 152 -0.16 -2.89 -17.95
CA VAL A 152 -0.13 -1.46 -17.66
C VAL A 152 -0.57 -0.67 -18.89
N ASP A 153 -0.04 -1.01 -20.07
CA ASP A 153 -0.40 -0.30 -21.29
C ASP A 153 -1.89 -0.43 -21.60
N GLU A 154 -2.46 -1.62 -21.41
CA GLU A 154 -3.87 -1.84 -21.68
C GLU A 154 -4.76 -1.18 -20.65
N GLY A 155 -4.28 -1.04 -19.42
CA GLY A 155 -5.07 -0.46 -18.35
C GLY A 155 -6.01 -1.50 -17.75
N GLY A 156 -6.75 -1.05 -16.74
CA GLY A 156 -7.71 -1.92 -16.08
C GLY A 156 -8.03 -1.42 -14.69
N GLU A 157 -9.32 -1.41 -14.34
CA GLU A 157 -9.73 -0.90 -13.05
C GLU A 157 -9.31 -1.85 -11.92
N ILE A 158 -8.97 -1.28 -10.78
CA ILE A 158 -8.74 -2.03 -9.56
C ILE A 158 -10.00 -1.87 -8.72
N LYS A 159 -10.76 -2.95 -8.57
CA LYS A 159 -11.99 -2.92 -7.79
C LYS A 159 -11.72 -3.28 -6.34
N ILE A 160 -12.52 -2.72 -5.43
CA ILE A 160 -12.36 -2.90 -4.00
C ILE A 160 -13.68 -3.38 -3.41
N TRP A 161 -13.61 -4.33 -2.49
CA TRP A 161 -14.78 -4.67 -1.68
C TRP A 161 -14.32 -5.31 -0.39
N TRP A 162 -15.28 -5.61 0.48
CA TRP A 162 -15.01 -6.20 1.78
C TRP A 162 -15.73 -7.53 1.94
N GLU A 163 -15.10 -8.43 2.69
CA GLU A 163 -15.73 -9.66 3.14
C GLU A 163 -15.34 -9.81 4.61
N GLY A 164 -16.24 -9.39 5.49
CA GLY A 164 -15.92 -9.41 6.91
C GLY A 164 -14.92 -8.31 7.24
N GLU A 165 -13.87 -8.67 7.97
CA GLU A 165 -12.81 -7.73 8.31
C GLU A 165 -11.76 -7.61 7.22
N LYS A 166 -11.87 -8.42 6.16
CA LYS A 166 -10.86 -8.49 5.13
C LYS A 166 -11.26 -7.59 3.97
N ARG A 167 -10.31 -6.79 3.55
CA ARG A 167 -10.52 -5.96 2.34
C ARG A 167 -9.94 -6.72 1.15
N TYR A 168 -10.66 -6.69 0.05
CA TYR A 168 -10.25 -7.38 -1.16
C TYR A 168 -10.04 -6.38 -2.29
N THR A 169 -9.05 -6.64 -3.14
CA THR A 169 -8.79 -5.84 -4.33
C THR A 169 -8.72 -6.79 -5.51
N GLN A 170 -9.18 -6.33 -6.66
CA GLN A 170 -9.12 -7.17 -7.85
C GLN A 170 -8.78 -6.31 -9.05
N ILE A 171 -7.72 -6.69 -9.75
CA ILE A 171 -7.32 -6.02 -10.98
C ILE A 171 -8.05 -6.72 -12.12
N ARG A 172 -8.80 -5.95 -12.90
CA ARG A 172 -9.52 -6.49 -14.06
C ARG A 172 -10.34 -7.71 -13.66
N ASP A 173 -10.12 -8.84 -14.32
CA ASP A 173 -10.78 -10.09 -13.94
C ASP A 173 -9.80 -11.09 -13.34
N PHE A 174 -8.64 -10.63 -12.87
CA PHE A 174 -7.64 -11.53 -12.32
C PHE A 174 -8.10 -12.04 -10.93
N ASP A 175 -7.29 -12.88 -10.30
CA ASP A 175 -7.65 -13.41 -8.99
C ASP A 175 -7.65 -12.28 -7.96
N PRO A 176 -8.66 -12.19 -7.09
CA PRO A 176 -8.65 -11.16 -6.06
C PRO A 176 -7.56 -11.42 -5.02
N ILE A 177 -7.07 -10.33 -4.42
CA ILE A 177 -5.99 -10.39 -3.46
C ILE A 177 -6.41 -9.67 -2.19
N PRO A 178 -6.62 -10.37 -1.03
CA PRO A 178 -7.09 -9.72 0.18
C PRO A 178 -5.95 -9.03 0.91
N CYS A 179 -6.16 -7.77 1.29
CA CYS A 179 -5.12 -7.04 2.05
C CYS A 179 -5.53 -5.60 2.34
N GLY A 180 -4.95 -4.99 3.38
CA GLY A 180 -5.22 -3.57 3.66
C GLY A 180 -4.20 -2.72 2.94
N GLY A 181 -4.49 -1.43 2.71
CA GLY A 181 -3.59 -0.60 1.96
C GLY A 181 -4.30 0.12 0.84
N THR A 182 -3.59 1.10 0.28
CA THR A 182 -4.16 2.07 -0.63
C THR A 182 -3.65 1.78 -2.04
N HIS A 183 -4.57 1.73 -3.00
CA HIS A 183 -4.26 1.33 -4.36
C HIS A 183 -4.64 2.43 -5.32
N VAL A 184 -3.98 2.43 -6.50
CA VAL A 184 -4.39 3.36 -7.56
C VAL A 184 -5.74 2.91 -8.11
N LYS A 185 -6.39 3.79 -8.87
CA LYS A 185 -7.70 3.47 -9.43
C LYS A 185 -7.60 2.50 -10.61
N ASP A 186 -6.53 2.63 -11.41
CA ASP A 186 -6.40 1.92 -12.67
C ASP A 186 -4.93 1.57 -12.89
N ILE A 187 -4.66 0.36 -13.36
CA ILE A 187 -3.27 -0.08 -13.42
C ILE A 187 -2.45 0.70 -14.43
N ARG A 188 -3.09 1.49 -15.30
CA ARG A 188 -2.32 2.38 -16.16
C ARG A 188 -1.45 3.34 -15.34
N GLU A 189 -1.89 3.69 -14.12
CA GLU A 189 -1.14 4.60 -13.25
C GLU A 189 0.12 3.99 -12.66
N ILE A 190 0.24 2.66 -12.64
CA ILE A 190 1.45 2.04 -12.08
C ILE A 190 2.67 2.45 -12.90
N GLY A 191 2.53 2.46 -14.21
CA GLY A 191 3.64 2.74 -15.08
C GLY A 191 4.49 1.51 -15.29
N HIS A 192 5.48 1.66 -16.17
CA HIS A 192 6.34 0.54 -16.52
C HIS A 192 7.36 0.23 -15.43
N ILE A 193 7.80 -1.02 -15.42
CA ILE A 193 8.87 -1.44 -14.55
C ILE A 193 10.17 -0.79 -15.00
N LYS A 194 10.89 -0.20 -14.05
CA LYS A 194 12.23 0.33 -14.26
C LYS A 194 13.27 -0.75 -14.01
N LYS A 195 13.01 -1.60 -13.02
CA LYS A 195 13.95 -2.65 -12.65
C LYS A 195 13.19 -3.72 -11.90
N LEU A 196 13.41 -4.97 -12.27
CA LEU A 196 12.94 -6.11 -11.49
C LEU A 196 14.16 -6.97 -11.18
N LYS A 197 14.43 -7.18 -9.90
CA LYS A 197 15.65 -7.86 -9.48
C LYS A 197 15.28 -9.12 -8.71
N ARG A 198 15.83 -10.25 -9.13
CA ARG A 198 15.60 -11.52 -8.45
C ARG A 198 16.84 -11.86 -7.65
N SER A 199 16.64 -12.37 -6.43
CA SER A 199 17.73 -12.90 -5.64
C SER A 199 17.27 -14.16 -4.92
N SER A 200 18.23 -15.05 -4.66
CA SER A 200 17.93 -16.23 -3.86
C SER A 200 18.05 -15.88 -2.38
N ILE A 201 17.03 -16.23 -1.60
CA ILE A 201 17.04 -15.99 -0.16
C ILE A 201 16.90 -17.28 0.64
N GLY A 202 17.06 -18.42 -0.02
CA GLY A 202 16.91 -19.71 0.62
C GLY A 202 16.59 -20.74 -0.44
N ARG A 203 16.64 -22.01 -0.04
CA ARG A 203 16.35 -23.06 -1.01
C ARG A 203 14.89 -22.96 -1.44
N GLY A 204 14.66 -22.79 -2.74
CA GLY A 204 13.30 -22.64 -3.24
C GLY A 204 12.60 -21.38 -2.81
N LYS A 205 13.35 -20.41 -2.29
CA LYS A 205 12.80 -19.13 -1.86
C LYS A 205 13.52 -18.03 -2.62
N GLN A 206 12.74 -17.14 -3.25
CA GLN A 206 13.28 -16.14 -4.16
C GLN A 206 12.66 -14.79 -3.84
N ARG A 207 13.50 -13.75 -3.84
CA ARG A 207 13.03 -12.39 -3.64
C ARG A 207 12.94 -11.66 -4.97
N LEU A 208 11.78 -11.06 -5.26
CA LEU A 208 11.61 -10.15 -6.38
C LEU A 208 11.49 -8.74 -5.83
N GLU A 209 12.37 -7.85 -6.25
CA GLU A 209 12.25 -6.44 -5.91
C GLU A 209 11.92 -5.63 -7.16
N ILE A 210 10.95 -4.74 -7.04
CA ILE A 210 10.38 -4.03 -8.18
C ILE A 210 10.52 -2.53 -7.95
N TRP A 211 11.07 -1.84 -8.94
CA TRP A 211 11.15 -0.38 -9.00
C TRP A 211 10.34 0.08 -10.20
N LEU A 212 9.63 1.20 -10.05
CA LEU A 212 8.80 1.73 -11.12
C LEU A 212 9.44 2.96 -11.76
N GLU A 213 9.09 3.20 -13.01
CA GLU A 213 9.62 4.36 -13.71
C GLU A 213 9.17 5.64 -13.01
ZN ZN B . -1.55 -5.69 -0.76
ZN ZN C . 7.51 3.87 -19.69
#